data_2DLA
#
_entry.id   2DLA
#
_cell.length_a   89.250
_cell.length_b   89.250
_cell.length_c   252.674
_cell.angle_alpha   90.00
_cell.angle_beta   90.00
_cell.angle_gamma   90.00
#
_symmetry.space_group_name_H-M   'P 43 21 2'
#
loop_
_entity.id
_entity.type
_entity.pdbx_description
1 polymer '397aa long hypothetical protein'
2 water water
#
_entity_poly.entity_id   1
_entity_poly.type   'polypeptide(L)'
_entity_poly.pdbx_seq_one_letter_code
;MMIMLDPFSEKAKELLKGFGSINDFMDAIPKIVSVDDVIERIRVVKNEKLIDKFLDQDNVMDLAQFYALLGALSYSPYGI
ELELVKKANLIIYSERLKRKKEIKPEEISIDVSTAIEFPTEDVRKIERVYGKIPEYTMKISDFLDLVPDEKLANYYIYEG
RVYLKREDLIRIWSKAFERNVERGVNMLYEIRDELPEFYRKVLGEIQAFAEEEFGRKFGEIQ
;
_entity_poly.pdbx_strand_id   A,B,C
#
# COMPACT_ATOMS: atom_id res chain seq x y z
N MET A 1 11.67 10.41 3.12
CA MET A 1 11.03 10.86 1.85
C MET A 1 9.68 11.51 2.15
N MET A 2 8.94 11.81 1.07
CA MET A 2 7.61 12.39 1.19
C MET A 2 6.65 11.46 0.45
N ILE A 3 6.32 10.36 1.10
CA ILE A 3 5.41 9.36 0.56
C ILE A 3 4.35 9.16 1.63
N MET A 4 3.11 8.90 1.20
CA MET A 4 2.01 8.70 2.13
C MET A 4 2.03 7.30 2.73
N LEU A 5 2.21 7.24 4.05
CA LEU A 5 2.24 5.99 4.79
C LEU A 5 0.93 5.76 5.54
N ASP A 6 0.29 6.86 5.92
CA ASP A 6 -0.95 6.84 6.67
C ASP A 6 -1.78 8.03 6.24
N PRO A 7 -2.87 7.78 5.49
CA PRO A 7 -3.75 8.86 5.01
C PRO A 7 -4.46 9.64 6.10
N PHE A 8 -4.25 9.25 7.36
CA PHE A 8 -4.85 9.96 8.48
C PHE A 8 -3.80 10.65 9.35
N SER A 9 -2.54 10.60 8.92
CA SER A 9 -1.43 11.24 9.64
C SER A 9 -1.61 12.76 9.71
N GLU A 10 -0.84 13.43 10.55
CA GLU A 10 -0.95 14.88 10.65
C GLU A 10 -0.52 15.48 9.31
N LYS A 11 0.43 14.80 8.67
CA LYS A 11 0.92 15.20 7.36
C LYS A 11 -0.28 15.31 6.42
N ALA A 12 -0.90 14.17 6.12
CA ALA A 12 -2.06 14.15 5.25
C ALA A 12 -3.14 15.13 5.70
N LYS A 13 -3.31 15.27 7.01
CA LYS A 13 -4.34 16.16 7.57
C LYS A 13 -4.23 17.60 7.06
N GLU A 14 -3.04 18.20 7.16
CA GLU A 14 -2.88 19.57 6.71
C GLU A 14 -2.77 19.62 5.18
N LEU A 15 -2.46 18.49 4.58
CA LEU A 15 -2.34 18.38 3.13
C LEU A 15 -3.70 18.53 2.48
N LEU A 16 -4.73 18.01 3.14
CA LEU A 16 -6.08 18.08 2.62
C LEU A 16 -6.87 19.21 3.30
N LYS A 17 -6.21 19.86 4.25
CA LYS A 17 -6.79 20.98 5.00
C LYS A 17 -6.66 22.19 4.09
N GLY A 18 -5.77 22.06 3.10
CA GLY A 18 -5.53 23.13 2.16
C GLY A 18 -6.64 23.40 1.16
N PHE A 19 -7.40 22.36 0.78
CA PHE A 19 -8.49 22.56 -0.16
C PHE A 19 -9.70 23.14 0.56
N GLY A 20 -9.50 23.62 1.79
CA GLY A 20 -10.60 24.18 2.54
C GLY A 20 -11.21 23.15 3.47
N SER A 21 -12.51 22.93 3.36
CA SER A 21 -13.19 21.96 4.20
C SER A 21 -13.20 20.59 3.56
N ILE A 22 -13.71 19.61 4.30
CA ILE A 22 -13.79 18.24 3.81
C ILE A 22 -14.70 18.22 2.60
N ASN A 23 -15.65 19.15 2.58
CA ASN A 23 -16.61 19.24 1.50
C ASN A 23 -15.99 19.85 0.25
N ASP A 24 -15.17 20.87 0.45
CA ASP A 24 -14.49 21.53 -0.65
C ASP A 24 -13.51 20.54 -1.24
N PHE A 25 -12.84 19.80 -0.36
CA PHE A 25 -11.89 18.81 -0.81
C PHE A 25 -12.65 17.75 -1.58
N MET A 26 -13.78 17.35 -1.02
CA MET A 26 -14.61 16.32 -1.63
C MET A 26 -15.10 16.71 -3.03
N ASP A 27 -15.33 17.99 -3.27
CA ASP A 27 -15.78 18.42 -4.60
C ASP A 27 -14.62 18.39 -5.60
N ALA A 28 -13.42 18.65 -5.09
CA ALA A 28 -12.21 18.68 -5.90
C ALA A 28 -11.74 17.30 -6.35
N ILE A 29 -11.94 16.29 -5.50
CA ILE A 29 -11.49 14.95 -5.84
C ILE A 29 -11.92 14.46 -7.22
N PRO A 30 -13.22 14.63 -7.57
CA PRO A 30 -13.68 14.17 -8.89
C PRO A 30 -13.00 14.91 -10.06
N LYS A 31 -12.48 16.10 -9.77
CA LYS A 31 -11.78 16.91 -10.78
C LYS A 31 -10.28 16.61 -10.81
N ILE A 32 -9.86 15.58 -10.08
CA ILE A 32 -8.44 15.22 -10.02
C ILE A 32 -8.18 13.77 -10.44
N VAL A 33 -9.04 12.85 -10.00
CA VAL A 33 -8.90 11.44 -10.32
C VAL A 33 -10.14 10.95 -11.06
N SER A 34 -9.95 9.95 -11.91
CA SER A 34 -11.07 9.38 -12.66
C SER A 34 -11.55 8.23 -11.84
N VAL A 35 -12.57 7.53 -12.32
CA VAL A 35 -13.11 6.38 -11.63
C VAL A 35 -12.23 5.17 -11.91
N ASP A 36 -11.86 4.99 -13.17
CA ASP A 36 -11.03 3.84 -13.53
C ASP A 36 -9.71 3.93 -12.77
N ASP A 37 -9.34 5.15 -12.38
CA ASP A 37 -8.11 5.37 -11.63
C ASP A 37 -8.24 4.78 -10.23
N VAL A 38 -9.35 5.10 -9.57
CA VAL A 38 -9.66 4.65 -8.22
C VAL A 38 -9.83 3.14 -8.14
N ILE A 39 -10.61 2.56 -9.04
CA ILE A 39 -10.78 1.12 -9.02
C ILE A 39 -9.42 0.47 -9.26
N GLU A 40 -8.54 1.19 -9.95
CA GLU A 40 -7.21 0.69 -10.24
C GLU A 40 -6.53 0.31 -8.94
N ARG A 41 -6.78 1.12 -7.93
CA ARG A 41 -6.22 0.97 -6.59
C ARG A 41 -6.74 -0.27 -5.89
N ILE A 42 -8.01 -0.58 -6.10
CA ILE A 42 -8.64 -1.73 -5.47
C ILE A 42 -8.27 -3.09 -6.03
N ARG A 43 -8.05 -3.16 -7.34
CA ARG A 43 -7.70 -4.42 -7.99
C ARG A 43 -6.34 -4.96 -7.54
N VAL A 44 -5.67 -4.23 -6.64
CA VAL A 44 -4.38 -4.64 -6.11
C VAL A 44 -4.52 -5.93 -5.32
N VAL A 45 -5.73 -6.17 -4.83
CA VAL A 45 -6.04 -7.36 -4.05
C VAL A 45 -5.89 -8.62 -4.90
N LYS A 46 -5.98 -8.45 -6.22
CA LYS A 46 -5.87 -9.57 -7.15
C LYS A 46 -4.43 -9.80 -7.60
N ASN A 47 -3.89 -8.85 -8.35
CA ASN A 47 -2.53 -8.98 -8.86
C ASN A 47 -1.49 -8.26 -8.02
N GLU A 48 -0.66 -9.04 -7.32
CA GLU A 48 0.40 -8.48 -6.49
C GLU A 48 1.23 -7.45 -7.26
N LYS A 49 1.42 -7.69 -8.55
CA LYS A 49 2.22 -6.79 -9.36
C LYS A 49 1.63 -5.39 -9.53
N LEU A 50 0.37 -5.22 -9.14
CA LEU A 50 -0.30 -3.92 -9.24
C LEU A 50 0.25 -2.94 -8.20
N ILE A 51 0.74 -3.52 -7.10
CA ILE A 51 1.30 -2.78 -5.96
C ILE A 51 2.38 -1.77 -6.31
N ASP A 52 3.38 -2.22 -7.06
CA ASP A 52 4.52 -1.37 -7.38
C ASP A 52 4.27 0.04 -7.91
N LYS A 53 3.42 0.18 -8.92
CA LYS A 53 3.13 1.50 -9.47
C LYS A 53 2.68 2.47 -8.38
N PHE A 54 2.27 1.92 -7.24
CA PHE A 54 1.81 2.74 -6.11
C PHE A 54 2.91 3.09 -5.10
N LEU A 55 3.90 2.21 -4.96
CA LEU A 55 4.99 2.43 -4.01
C LEU A 55 5.40 3.90 -3.94
N ASP A 56 5.42 4.58 -5.08
CA ASP A 56 5.76 6.00 -5.13
C ASP A 56 4.67 6.69 -5.95
N GLN A 57 3.92 7.58 -5.32
CA GLN A 57 2.86 8.28 -6.00
C GLN A 57 2.70 9.59 -5.28
N ASP A 58 2.34 10.66 -5.99
CA ASP A 58 2.19 11.93 -5.31
C ASP A 58 1.16 11.73 -4.20
N ASN A 59 1.42 12.37 -3.06
CA ASN A 59 0.56 12.28 -1.89
C ASN A 59 -0.86 12.76 -2.14
N VAL A 60 -1.02 13.85 -2.90
CA VAL A 60 -2.34 14.36 -3.18
C VAL A 60 -3.11 13.38 -4.04
N MET A 61 -2.42 12.71 -4.95
CA MET A 61 -3.11 11.71 -5.78
C MET A 61 -3.59 10.58 -4.88
N ASP A 62 -2.74 10.19 -3.92
CA ASP A 62 -3.03 9.14 -2.98
C ASP A 62 -4.27 9.49 -2.15
N LEU A 63 -4.20 10.62 -1.45
CA LEU A 63 -5.32 11.09 -0.64
C LEU A 63 -6.60 11.17 -1.47
N ALA A 64 -6.47 11.74 -2.67
CA ALA A 64 -7.60 11.87 -3.57
C ALA A 64 -8.19 10.51 -3.95
N GLN A 65 -7.35 9.58 -4.38
CA GLN A 65 -7.83 8.25 -4.73
C GLN A 65 -8.47 7.64 -3.47
N PHE A 66 -7.72 7.72 -2.37
CA PHE A 66 -8.19 7.19 -1.11
C PHE A 66 -9.53 7.80 -0.71
N TYR A 67 -9.58 9.10 -0.43
CA TYR A 67 -10.86 9.70 -0.04
C TYR A 67 -11.97 9.58 -1.07
N ALA A 68 -11.66 9.06 -2.25
CA ALA A 68 -12.68 8.85 -3.27
C ALA A 68 -13.35 7.55 -2.83
N LEU A 69 -12.55 6.51 -2.64
CA LEU A 69 -13.07 5.23 -2.19
C LEU A 69 -13.90 5.41 -0.90
N LEU A 70 -13.37 6.19 0.04
CA LEU A 70 -14.10 6.41 1.29
C LEU A 70 -15.46 7.06 1.06
N GLY A 71 -15.52 8.02 0.15
CA GLY A 71 -16.79 8.68 -0.13
C GLY A 71 -17.76 7.76 -0.83
N ALA A 72 -17.22 6.88 -1.66
CA ALA A 72 -18.06 5.94 -2.38
C ALA A 72 -18.71 4.98 -1.38
N LEU A 73 -18.12 4.87 -0.19
CA LEU A 73 -18.64 3.98 0.83
C LEU A 73 -19.65 4.61 1.79
N SER A 74 -19.74 5.94 1.77
CA SER A 74 -20.70 6.62 2.64
C SER A 74 -22.10 6.11 2.29
N TYR A 75 -22.21 5.48 1.12
CA TYR A 75 -23.46 4.94 0.62
C TYR A 75 -23.65 3.44 0.90
N SER A 76 -22.58 2.76 1.33
CA SER A 76 -22.64 1.33 1.64
C SER A 76 -21.49 0.97 2.62
N PRO A 77 -21.57 1.49 3.85
CA PRO A 77 -20.64 1.35 4.97
C PRO A 77 -20.37 0.01 5.66
N TYR A 78 -20.90 -1.11 5.18
CA TYR A 78 -20.63 -2.36 5.90
C TYR A 78 -20.05 -3.55 5.14
N GLY A 79 -20.69 -3.95 4.06
CA GLY A 79 -20.25 -5.09 3.29
C GLY A 79 -18.80 -5.18 2.87
N ILE A 80 -18.54 -6.03 1.89
CA ILE A 80 -17.21 -6.24 1.35
C ILE A 80 -16.63 -5.01 0.68
N GLU A 81 -17.46 -3.98 0.48
CA GLU A 81 -16.95 -2.77 -0.11
C GLU A 81 -16.06 -2.13 0.95
N LEU A 82 -16.59 -2.06 2.17
CA LEU A 82 -15.81 -1.51 3.27
C LEU A 82 -14.66 -2.49 3.53
N GLU A 83 -14.91 -3.76 3.29
CA GLU A 83 -13.90 -4.81 3.48
C GLU A 83 -12.77 -4.67 2.46
N LEU A 84 -13.13 -4.48 1.20
CA LEU A 84 -12.17 -4.33 0.10
C LEU A 84 -11.35 -3.04 0.21
N VAL A 85 -12.03 -1.92 0.43
CA VAL A 85 -11.34 -0.64 0.57
C VAL A 85 -10.23 -0.77 1.62
N LYS A 86 -10.57 -1.37 2.76
CA LYS A 86 -9.60 -1.58 3.83
C LYS A 86 -8.44 -2.46 3.37
N LYS A 87 -8.76 -3.62 2.80
CA LYS A 87 -7.74 -4.54 2.36
C LYS A 87 -6.77 -3.97 1.33
N ALA A 88 -7.32 -3.39 0.27
CA ALA A 88 -6.50 -2.83 -0.79
C ALA A 88 -5.57 -1.74 -0.28
N ASN A 89 -6.11 -0.74 0.39
CA ASN A 89 -5.27 0.33 0.90
C ASN A 89 -4.30 -0.16 1.96
N LEU A 90 -4.76 -1.09 2.78
CA LEU A 90 -3.93 -1.62 3.83
C LEU A 90 -2.67 -2.21 3.19
N ILE A 91 -2.79 -2.81 2.01
CA ILE A 91 -1.63 -3.38 1.32
C ILE A 91 -0.72 -2.28 0.76
N ILE A 92 -1.33 -1.34 0.05
CA ILE A 92 -0.60 -0.22 -0.50
C ILE A 92 0.18 0.50 0.61
N TYR A 93 -0.47 0.73 1.75
CA TYR A 93 0.21 1.44 2.84
C TYR A 93 1.25 0.61 3.59
N SER A 94 0.90 -0.64 3.92
CA SER A 94 1.81 -1.55 4.62
C SER A 94 3.09 -1.67 3.85
N GLU A 95 2.93 -1.89 2.54
CA GLU A 95 4.03 -2.06 1.60
C GLU A 95 5.00 -0.90 1.64
N ARG A 96 4.49 0.31 1.49
CA ARG A 96 5.32 1.50 1.51
C ARG A 96 5.96 1.58 2.88
N LEU A 97 5.14 1.34 3.90
CA LEU A 97 5.59 1.39 5.27
C LEU A 97 6.80 0.49 5.51
N LYS A 98 6.60 -0.82 5.30
CA LYS A 98 7.64 -1.80 5.53
C LYS A 98 8.91 -1.59 4.74
N ARG A 99 9.05 -0.43 4.11
CA ARG A 99 10.26 -0.15 3.37
C ARG A 99 10.69 1.30 3.56
N LYS A 100 10.55 1.78 4.79
CA LYS A 100 10.93 3.14 5.15
C LYS A 100 12.08 3.13 6.16
N LYS A 101 13.06 4.00 5.98
CA LYS A 101 14.19 4.04 6.91
C LYS A 101 13.67 4.67 8.21
N GLU A 102 13.76 5.98 8.29
CA GLU A 102 13.28 6.71 9.45
C GLU A 102 11.77 6.85 9.27
N ILE A 103 11.04 7.07 10.36
CA ILE A 103 9.60 7.26 10.27
C ILE A 103 9.25 8.56 11.00
N LYS A 104 9.12 9.64 10.25
CA LYS A 104 8.79 10.95 10.80
C LYS A 104 7.48 10.90 11.59
N PRO A 105 7.50 11.41 12.83
CA PRO A 105 6.28 11.39 13.65
C PRO A 105 5.00 11.97 13.00
N GLU A 106 5.14 12.83 12.00
CA GLU A 106 3.98 13.42 11.34
C GLU A 106 3.44 12.57 10.18
N GLU A 107 4.21 11.57 9.79
CA GLU A 107 3.79 10.72 8.70
C GLU A 107 2.85 9.61 9.16
N ILE A 108 2.91 9.26 10.44
CA ILE A 108 2.08 8.19 10.98
C ILE A 108 1.14 8.71 12.07
N SER A 109 -0.09 8.21 12.10
CA SER A 109 -1.08 8.68 13.06
C SER A 109 -1.02 8.12 14.49
N ILE A 110 -0.03 7.29 14.78
CA ILE A 110 0.13 6.76 16.13
C ILE A 110 1.58 6.97 16.54
N ASP A 111 1.83 7.10 17.83
CA ASP A 111 3.20 7.33 18.33
C ASP A 111 4.12 6.15 18.13
N VAL A 112 4.67 6.04 16.92
CA VAL A 112 5.58 4.96 16.58
C VAL A 112 6.86 5.56 15.99
N SER A 113 7.99 4.95 16.28
CA SER A 113 9.25 5.44 15.75
C SER A 113 10.20 4.28 15.61
N THR A 114 11.31 4.55 14.95
CA THR A 114 12.31 3.52 14.73
C THR A 114 13.32 3.44 15.86
N ALA A 115 13.64 2.23 16.28
CA ALA A 115 14.60 2.01 17.34
C ALA A 115 15.99 2.02 16.71
N ILE A 116 16.70 3.13 16.84
CA ILE A 116 18.03 3.24 16.26
C ILE A 116 19.05 2.41 17.06
N GLU A 117 19.00 2.55 18.38
CA GLU A 117 19.90 1.82 19.24
C GLU A 117 19.13 0.90 20.17
N PHE A 118 19.74 -0.21 20.53
CA PHE A 118 19.11 -1.19 21.41
C PHE A 118 20.03 -1.49 22.59
N PRO A 119 19.51 -1.42 23.83
CA PRO A 119 20.28 -1.67 25.04
C PRO A 119 21.19 -2.88 24.91
N THR A 120 22.50 -2.64 24.98
CA THR A 120 23.52 -3.69 24.85
C THR A 120 23.24 -4.87 25.77
N GLU A 121 22.89 -4.54 27.01
CA GLU A 121 22.62 -5.51 28.04
C GLU A 121 21.71 -6.67 27.67
N ASP A 122 20.56 -6.36 27.06
CA ASP A 122 19.59 -7.41 26.73
C ASP A 122 19.60 -8.01 25.34
N VAL A 123 20.51 -7.57 24.47
CA VAL A 123 20.56 -8.07 23.11
C VAL A 123 20.44 -9.60 23.00
N ARG A 124 21.33 -10.34 23.65
CA ARG A 124 21.28 -11.78 23.57
C ARG A 124 19.96 -12.36 24.07
N LYS A 125 19.59 -12.05 25.31
CA LYS A 125 18.33 -12.55 25.86
C LYS A 125 17.20 -12.41 24.85
N ILE A 126 17.06 -11.22 24.27
CA ILE A 126 16.02 -10.99 23.29
C ILE A 126 16.10 -12.04 22.17
N GLU A 127 17.27 -12.16 21.55
CA GLU A 127 17.47 -13.13 20.46
C GLU A 127 17.21 -14.57 20.88
N ARG A 128 17.68 -14.97 22.05
CA ARG A 128 17.45 -16.33 22.53
C ARG A 128 15.97 -16.51 22.88
N VAL A 129 15.13 -15.62 22.37
CA VAL A 129 13.70 -15.69 22.61
C VAL A 129 12.90 -15.31 21.36
N TYR A 130 13.34 -14.27 20.65
CA TYR A 130 12.64 -13.83 19.45
C TYR A 130 13.54 -13.84 18.21
N GLY A 131 14.73 -14.42 18.33
CA GLY A 131 15.62 -14.45 17.19
C GLY A 131 16.22 -13.10 16.85
N LYS A 132 15.48 -12.25 16.15
CA LYS A 132 15.99 -10.93 15.74
C LYS A 132 15.81 -9.87 16.83
N ILE A 133 16.21 -8.63 16.52
CA ILE A 133 16.06 -7.49 17.43
C ILE A 133 14.93 -6.61 16.88
N PRO A 134 13.94 -6.24 17.72
CA PRO A 134 12.90 -5.39 17.11
C PRO A 134 13.44 -4.06 16.58
N GLU A 135 12.93 -3.65 15.42
CA GLU A 135 13.36 -2.41 14.78
C GLU A 135 12.59 -1.15 15.21
N TYR A 136 11.40 -1.33 15.78
CA TYR A 136 10.60 -0.19 16.18
C TYR A 136 10.19 -0.18 17.64
N THR A 137 9.66 0.98 18.05
CA THR A 137 9.16 1.18 19.39
C THR A 137 7.86 1.96 19.22
N MET A 138 7.00 1.88 20.22
CA MET A 138 5.71 2.55 20.15
C MET A 138 5.34 2.96 21.56
N LYS A 139 4.45 3.95 21.64
CA LYS A 139 3.97 4.47 22.91
C LYS A 139 3.13 3.39 23.56
N ILE A 140 3.49 3.01 24.78
CA ILE A 140 2.78 1.96 25.48
C ILE A 140 1.25 2.12 25.45
N SER A 141 0.74 3.30 25.78
CA SER A 141 -0.72 3.46 25.78
C SER A 141 -1.35 3.24 24.40
N ASP A 142 -0.68 3.66 23.34
CA ASP A 142 -1.24 3.43 22.00
C ASP A 142 -1.40 1.92 21.83
N PHE A 143 -0.38 1.17 22.22
CA PHE A 143 -0.39 -0.28 22.14
C PHE A 143 -1.64 -0.82 22.86
N LEU A 144 -1.80 -0.43 24.11
CA LEU A 144 -2.94 -0.89 24.91
C LEU A 144 -4.27 -0.51 24.27
N ASP A 145 -4.28 0.62 23.57
CA ASP A 145 -5.49 1.07 22.92
C ASP A 145 -5.83 0.30 21.66
N LEU A 146 -4.80 -0.10 20.92
CA LEU A 146 -5.01 -0.80 19.67
C LEU A 146 -5.16 -2.32 19.74
N VAL A 147 -4.47 -2.96 20.67
CA VAL A 147 -4.57 -4.42 20.77
C VAL A 147 -4.87 -4.78 22.21
N PRO A 148 -6.12 -4.53 22.62
CA PRO A 148 -6.70 -4.76 23.94
C PRO A 148 -6.56 -6.16 24.53
N ASP A 149 -6.58 -7.18 23.67
CA ASP A 149 -6.49 -8.56 24.16
C ASP A 149 -5.09 -9.07 24.38
N GLU A 150 -4.10 -8.36 23.85
CA GLU A 150 -2.71 -8.75 24.00
C GLU A 150 -2.13 -8.41 25.36
N LYS A 151 -0.93 -8.90 25.62
CA LYS A 151 -0.27 -8.63 26.91
C LYS A 151 1.14 -8.06 26.77
N LEU A 152 1.36 -6.89 27.38
CA LEU A 152 2.69 -6.27 27.33
C LEU A 152 3.75 -7.24 27.81
N ALA A 153 3.37 -8.12 28.72
CA ALA A 153 4.28 -9.12 29.25
C ALA A 153 5.01 -9.91 28.16
N ASN A 154 4.43 -10.00 26.96
CA ASN A 154 5.08 -10.75 25.89
C ASN A 154 5.99 -9.91 25.00
N TYR A 155 6.23 -8.66 25.36
CA TYR A 155 7.10 -7.80 24.56
C TYR A 155 8.23 -7.22 25.40
N TYR A 156 9.18 -6.57 24.74
CA TYR A 156 10.28 -5.96 25.45
C TYR A 156 9.99 -4.47 25.62
N ILE A 157 10.09 -3.99 26.85
CA ILE A 157 9.86 -2.58 27.12
C ILE A 157 11.15 -1.97 27.63
N TYR A 158 11.42 -0.74 27.21
CA TYR A 158 12.64 -0.04 27.61
C TYR A 158 12.42 1.44 27.53
N GLU A 159 12.95 2.18 28.47
CA GLU A 159 12.78 3.63 28.46
C GLU A 159 11.35 4.06 28.18
N GLY A 160 10.40 3.41 28.82
CA GLY A 160 9.01 3.78 28.64
C GLY A 160 8.27 3.46 27.36
N ARG A 161 8.87 2.72 26.44
CA ARG A 161 8.17 2.37 25.20
C ARG A 161 8.28 0.88 24.89
N VAL A 162 7.34 0.35 24.11
CA VAL A 162 7.40 -1.08 23.75
C VAL A 162 8.09 -1.24 22.43
N TYR A 163 8.93 -2.25 22.33
CA TYR A 163 9.63 -2.51 21.10
C TYR A 163 8.86 -3.57 20.30
N LEU A 164 8.84 -3.41 18.98
CA LEU A 164 8.11 -4.33 18.10
C LEU A 164 8.87 -4.73 16.83
N LYS A 165 8.66 -5.96 16.40
CA LYS A 165 9.24 -6.43 15.16
C LYS A 165 8.40 -5.77 14.05
N ARG A 166 9.00 -5.53 12.89
CA ARG A 166 8.30 -4.91 11.74
C ARG A 166 6.90 -5.50 11.56
N GLU A 167 6.82 -6.82 11.63
CA GLU A 167 5.56 -7.53 11.49
C GLU A 167 4.54 -6.95 12.47
N ASP A 168 4.87 -6.99 13.76
CA ASP A 168 3.97 -6.48 14.79
C ASP A 168 3.59 -5.01 14.57
N LEU A 169 4.53 -4.19 14.14
CA LEU A 169 4.21 -2.79 13.90
C LEU A 169 3.04 -2.74 12.94
N ILE A 170 3.23 -3.31 11.74
CA ILE A 170 2.16 -3.32 10.74
C ILE A 170 0.87 -3.93 11.32
N ARG A 171 0.96 -5.14 11.84
CA ARG A 171 -0.19 -5.83 12.42
C ARG A 171 -0.97 -4.90 13.34
N ILE A 172 -0.24 -4.25 14.24
CA ILE A 172 -0.83 -3.31 15.19
C ILE A 172 -1.36 -2.07 14.50
N TRP A 173 -0.52 -1.42 13.71
CA TRP A 173 -0.94 -0.21 13.03
C TRP A 173 -2.19 -0.44 12.16
N SER A 174 -2.37 -1.68 11.70
CA SER A 174 -3.51 -2.03 10.86
C SER A 174 -4.84 -1.81 11.57
N LYS A 175 -4.81 -2.04 12.88
CA LYS A 175 -5.99 -1.87 13.72
C LYS A 175 -6.31 -0.39 13.84
N ALA A 176 -5.29 0.45 13.79
CA ALA A 176 -5.53 1.89 13.88
C ALA A 176 -6.11 2.41 12.55
N PHE A 177 -5.63 1.83 11.45
CA PHE A 177 -6.09 2.22 10.12
C PHE A 177 -7.54 1.81 9.88
N GLU A 178 -7.85 0.55 10.15
CA GLU A 178 -9.21 0.04 9.97
C GLU A 178 -10.20 0.87 10.80
N ARG A 179 -9.79 1.29 11.98
CA ARG A 179 -10.66 2.09 12.81
C ARG A 179 -10.85 3.45 12.16
N ASN A 180 -9.77 4.00 11.64
CA ASN A 180 -9.83 5.31 11.00
C ASN A 180 -10.66 5.25 9.72
N VAL A 181 -10.53 4.17 8.96
CA VAL A 181 -11.30 4.03 7.74
C VAL A 181 -12.77 4.15 8.11
N GLU A 182 -13.12 3.56 9.25
CA GLU A 182 -14.49 3.60 9.71
C GLU A 182 -14.88 4.94 10.32
N ARG A 183 -14.02 5.52 11.15
CA ARG A 183 -14.36 6.82 11.75
C ARG A 183 -14.61 7.79 10.58
N GLY A 184 -13.77 7.69 9.55
CA GLY A 184 -13.89 8.55 8.39
C GLY A 184 -15.08 8.32 7.48
N VAL A 185 -15.36 7.05 7.14
CA VAL A 185 -16.49 6.77 6.28
C VAL A 185 -17.80 7.25 6.87
N ASN A 186 -17.95 7.16 8.18
CA ASN A 186 -19.20 7.60 8.81
C ASN A 186 -19.28 9.12 9.00
N MET A 187 -18.15 9.82 8.99
CA MET A 187 -18.20 11.26 9.13
C MET A 187 -18.55 11.84 7.77
N LEU A 188 -18.60 10.98 6.76
CA LEU A 188 -18.95 11.39 5.41
C LEU A 188 -20.41 11.10 5.10
N TYR A 189 -21.09 10.44 6.03
CA TYR A 189 -22.50 10.12 5.83
C TYR A 189 -23.35 11.38 6.03
N GLU A 190 -22.84 12.32 6.81
CA GLU A 190 -23.56 13.56 7.06
C GLU A 190 -23.81 14.29 5.76
N ILE A 191 -22.73 14.53 5.01
CA ILE A 191 -22.81 15.24 3.74
C ILE A 191 -22.88 14.32 2.54
N ARG A 192 -23.09 13.03 2.76
CA ARG A 192 -23.14 12.09 1.64
C ARG A 192 -24.13 12.52 0.55
N ASP A 193 -24.93 13.54 0.84
CA ASP A 193 -25.91 14.02 -0.12
C ASP A 193 -25.33 15.05 -1.09
N GLU A 194 -24.47 15.93 -0.57
CA GLU A 194 -23.84 16.97 -1.40
C GLU A 194 -22.77 16.40 -2.31
N LEU A 195 -22.60 15.09 -2.31
CA LEU A 195 -21.58 14.47 -3.13
C LEU A 195 -22.02 14.37 -4.59
N PRO A 196 -21.08 14.58 -5.53
CA PRO A 196 -21.33 14.52 -6.98
C PRO A 196 -21.67 13.12 -7.46
N GLU A 197 -22.19 13.03 -8.68
CA GLU A 197 -22.55 11.77 -9.31
C GLU A 197 -21.34 10.83 -9.25
N PHE A 198 -20.17 11.44 -9.09
CA PHE A 198 -18.90 10.72 -9.01
C PHE A 198 -18.87 9.60 -7.98
N TYR A 199 -18.88 9.98 -6.71
CA TYR A 199 -18.83 9.01 -5.61
C TYR A 199 -19.76 7.83 -5.73
N ARG A 200 -20.96 8.06 -6.24
CA ARG A 200 -21.91 6.97 -6.38
C ARG A 200 -21.49 6.03 -7.51
N LYS A 201 -20.80 6.57 -8.52
CA LYS A 201 -20.33 5.76 -9.64
C LYS A 201 -19.18 4.87 -9.16
N VAL A 202 -18.29 5.47 -8.38
CA VAL A 202 -17.14 4.74 -7.85
C VAL A 202 -17.68 3.56 -7.05
N LEU A 203 -18.72 3.81 -6.26
CA LEU A 203 -19.30 2.75 -5.46
C LEU A 203 -19.77 1.58 -6.35
N GLY A 204 -20.49 1.90 -7.41
CA GLY A 204 -20.98 0.85 -8.31
C GLY A 204 -19.86 0.05 -8.98
N GLU A 205 -18.72 0.70 -9.18
CA GLU A 205 -17.58 0.06 -9.81
C GLU A 205 -16.93 -0.94 -8.86
N ILE A 206 -16.96 -0.63 -7.56
CA ILE A 206 -16.40 -1.50 -6.54
C ILE A 206 -17.29 -2.74 -6.45
N GLN A 207 -18.60 -2.51 -6.38
CA GLN A 207 -19.58 -3.62 -6.31
C GLN A 207 -19.35 -4.59 -7.47
N ALA A 208 -19.20 -4.03 -8.66
CA ALA A 208 -18.97 -4.81 -9.86
C ALA A 208 -17.71 -5.65 -9.71
N PHE A 209 -16.69 -5.09 -9.09
CA PHE A 209 -15.44 -5.80 -8.89
C PHE A 209 -15.67 -7.02 -7.99
N ALA A 210 -16.22 -6.78 -6.80
CA ALA A 210 -16.50 -7.83 -5.83
C ALA A 210 -17.25 -9.01 -6.44
N GLU A 211 -18.25 -8.71 -7.27
CA GLU A 211 -19.04 -9.75 -7.93
C GLU A 211 -18.11 -10.54 -8.83
N GLU A 212 -17.27 -9.85 -9.59
CA GLU A 212 -16.34 -10.52 -10.47
C GLU A 212 -15.42 -11.39 -9.63
N GLU A 213 -14.88 -10.82 -8.56
CA GLU A 213 -13.99 -11.54 -7.67
C GLU A 213 -14.71 -12.75 -7.09
N PHE A 214 -15.89 -12.53 -6.51
CA PHE A 214 -16.64 -13.64 -5.93
C PHE A 214 -17.10 -14.64 -6.97
N GLY A 215 -17.74 -14.14 -8.01
CA GLY A 215 -18.23 -15.01 -9.06
C GLY A 215 -17.16 -15.93 -9.61
N ARG A 216 -15.92 -15.46 -9.62
CA ARG A 216 -14.83 -16.26 -10.14
C ARG A 216 -14.31 -17.35 -9.20
N LYS A 217 -14.07 -17.02 -7.93
CA LYS A 217 -13.56 -18.02 -7.01
C LYS A 217 -14.60 -19.05 -6.54
N PHE A 218 -15.87 -18.80 -6.83
CA PHE A 218 -16.92 -19.74 -6.46
C PHE A 218 -17.32 -20.65 -7.62
N GLY A 219 -17.04 -20.21 -8.85
CA GLY A 219 -17.35 -20.99 -10.04
C GLY A 219 -16.07 -21.46 -10.73
N GLU A 220 -14.93 -21.15 -10.12
CA GLU A 220 -13.60 -21.47 -10.62
C GLU A 220 -13.28 -22.96 -10.52
N ILE A 221 -12.00 -23.28 -10.62
CA ILE A 221 -11.45 -24.64 -10.55
C ILE A 221 -12.29 -25.67 -11.32
N GLN A 222 -11.83 -25.99 -12.53
CA GLN A 222 -12.53 -26.94 -13.40
C GLN A 222 -11.70 -27.36 -14.62
N MET B 1 -10.17 -44.27 3.95
CA MET B 1 -10.47 -43.01 4.67
C MET B 1 -9.45 -42.73 5.77
N MET B 2 -9.09 -41.47 5.93
CA MET B 2 -8.12 -41.03 6.94
C MET B 2 -8.85 -40.31 8.10
N ILE B 3 -10.11 -39.97 7.87
CA ILE B 3 -10.97 -39.27 8.84
C ILE B 3 -10.57 -37.82 9.06
N MET B 4 -11.48 -36.95 8.66
CA MET B 4 -11.31 -35.50 8.74
C MET B 4 -10.99 -34.95 10.11
N LEU B 5 -9.94 -34.13 10.21
CA LEU B 5 -9.57 -33.51 11.47
C LEU B 5 -9.90 -32.00 11.37
N ASP B 6 -9.79 -31.45 10.18
CA ASP B 6 -10.07 -30.03 9.98
C ASP B 6 -10.75 -29.76 8.62
N PRO B 7 -12.02 -29.29 8.63
CA PRO B 7 -12.80 -29.00 7.42
C PRO B 7 -12.12 -28.01 6.48
N PHE B 8 -11.05 -27.39 6.97
CA PHE B 8 -10.35 -26.40 6.18
C PHE B 8 -8.93 -26.78 5.81
N SER B 9 -8.51 -27.97 6.23
CA SER B 9 -7.16 -28.41 5.94
C SER B 9 -7.01 -28.57 4.43
N GLU B 10 -5.77 -28.68 3.95
CA GLU B 10 -5.60 -28.85 2.52
C GLU B 10 -6.05 -30.27 2.19
N LYS B 11 -6.08 -31.13 3.21
CA LYS B 11 -6.55 -32.48 3.03
C LYS B 11 -8.01 -32.37 2.57
N ALA B 12 -8.79 -31.56 3.28
CA ALA B 12 -10.19 -31.36 2.95
C ALA B 12 -10.32 -30.67 1.59
N LYS B 13 -9.42 -29.74 1.30
CA LYS B 13 -9.41 -28.98 0.06
C LYS B 13 -9.22 -29.91 -1.11
N GLU B 14 -8.25 -30.80 -0.97
CA GLU B 14 -7.91 -31.77 -1.98
C GLU B 14 -9.15 -32.60 -2.31
N LEU B 15 -9.71 -33.21 -1.28
CA LEU B 15 -10.88 -34.06 -1.41
C LEU B 15 -12.11 -33.38 -2.05
N LEU B 16 -12.27 -32.09 -1.83
CA LEU B 16 -13.41 -31.34 -2.38
C LEU B 16 -13.20 -30.86 -3.80
N LYS B 17 -11.94 -30.85 -4.23
CA LYS B 17 -11.60 -30.43 -5.58
C LYS B 17 -12.36 -31.39 -6.48
N GLY B 18 -12.50 -32.63 -5.98
CA GLY B 18 -13.18 -33.68 -6.71
C GLY B 18 -14.55 -33.34 -7.24
N PHE B 19 -15.25 -32.47 -6.51
CA PHE B 19 -16.60 -32.07 -6.90
C PHE B 19 -16.60 -31.12 -8.09
N GLY B 20 -15.61 -30.23 -8.13
CA GLY B 20 -15.51 -29.26 -9.20
C GLY B 20 -15.40 -27.89 -8.56
N SER B 21 -16.33 -27.01 -8.85
CA SER B 21 -16.29 -25.68 -8.25
C SER B 21 -16.83 -25.75 -6.83
N ILE B 22 -16.66 -24.67 -6.10
CA ILE B 22 -17.19 -24.63 -4.77
C ILE B 22 -18.71 -24.72 -4.98
N ASN B 23 -19.19 -23.96 -5.94
CA ASN B 23 -20.61 -23.93 -6.27
C ASN B 23 -21.13 -25.31 -6.64
N ASP B 24 -20.26 -26.14 -7.20
CA ASP B 24 -20.62 -27.49 -7.56
C ASP B 24 -20.83 -28.25 -6.26
N PHE B 25 -19.91 -28.10 -5.33
CA PHE B 25 -20.02 -28.78 -4.05
C PHE B 25 -21.25 -28.32 -3.27
N MET B 26 -21.56 -27.03 -3.30
CA MET B 26 -22.73 -26.54 -2.57
C MET B 26 -24.04 -27.06 -3.18
N ASP B 27 -24.07 -27.19 -4.51
CA ASP B 27 -25.24 -27.71 -5.20
C ASP B 27 -25.42 -29.20 -4.89
N ALA B 28 -24.30 -29.88 -4.66
CA ALA B 28 -24.31 -31.30 -4.40
C ALA B 28 -24.66 -31.69 -2.97
N ILE B 29 -24.28 -30.86 -1.99
CA ILE B 29 -24.54 -31.21 -0.60
C ILE B 29 -25.97 -31.68 -0.30
N PRO B 30 -27.00 -30.97 -0.82
CA PRO B 30 -28.40 -31.39 -0.57
C PRO B 30 -28.71 -32.79 -1.11
N LYS B 31 -27.93 -33.27 -2.05
CA LYS B 31 -28.15 -34.60 -2.63
C LYS B 31 -27.37 -35.67 -1.90
N ILE B 32 -26.63 -35.27 -0.86
CA ILE B 32 -25.78 -36.19 -0.12
C ILE B 32 -26.18 -36.33 1.35
N VAL B 33 -26.71 -35.26 1.93
CA VAL B 33 -27.10 -35.27 3.32
C VAL B 33 -28.53 -34.80 3.49
N SER B 34 -29.18 -35.30 4.54
CA SER B 34 -30.56 -34.94 4.85
C SER B 34 -30.57 -33.85 5.91
N VAL B 35 -31.58 -32.99 5.87
CA VAL B 35 -31.66 -31.96 6.88
C VAL B 35 -31.60 -32.60 8.29
N ASP B 36 -32.04 -33.85 8.40
CA ASP B 36 -31.97 -34.49 9.71
C ASP B 36 -30.55 -34.86 10.08
N ASP B 37 -29.78 -35.34 9.12
CA ASP B 37 -28.41 -35.74 9.42
C ASP B 37 -27.61 -34.56 9.97
N VAL B 38 -27.79 -33.41 9.35
CA VAL B 38 -27.12 -32.21 9.76
C VAL B 38 -27.53 -31.82 11.17
N ILE B 39 -28.82 -31.60 11.40
CA ILE B 39 -29.25 -31.24 12.74
C ILE B 39 -28.80 -32.27 13.77
N GLU B 40 -28.73 -33.54 13.40
CA GLU B 40 -28.28 -34.47 14.40
C GLU B 40 -26.82 -34.21 14.74
N ARG B 41 -26.10 -33.58 13.83
CA ARG B 41 -24.68 -33.27 14.06
C ARG B 41 -24.59 -32.20 15.14
N ILE B 42 -25.36 -31.13 14.97
CA ILE B 42 -25.42 -30.03 15.91
C ILE B 42 -25.72 -30.55 17.32
N ARG B 43 -26.61 -31.53 17.36
CA ARG B 43 -27.06 -32.11 18.60
C ARG B 43 -26.05 -32.75 19.53
N VAL B 44 -24.78 -32.89 19.12
CA VAL B 44 -23.78 -33.49 20.01
C VAL B 44 -23.63 -32.60 21.22
N VAL B 45 -24.02 -31.34 21.06
CA VAL B 45 -23.98 -30.35 22.11
C VAL B 45 -24.78 -30.85 23.31
N LYS B 46 -25.91 -31.49 23.05
CA LYS B 46 -26.78 -32.01 24.10
C LYS B 46 -26.39 -33.40 24.61
N ASN B 47 -26.75 -34.42 23.84
CA ASN B 47 -26.46 -35.81 24.20
C ASN B 47 -25.02 -36.17 23.86
N GLU B 48 -24.11 -35.97 24.82
CA GLU B 48 -22.68 -36.27 24.60
C GLU B 48 -22.39 -37.75 24.37
N LYS B 49 -23.36 -38.47 23.84
CA LYS B 49 -23.20 -39.88 23.55
C LYS B 49 -23.21 -39.99 22.04
N LEU B 50 -23.89 -39.04 21.41
CA LEU B 50 -24.00 -38.99 19.94
C LEU B 50 -22.61 -38.94 19.32
N ILE B 51 -21.68 -38.33 20.04
CA ILE B 51 -20.30 -38.18 19.60
C ILE B 51 -19.65 -39.41 18.95
N ASP B 52 -19.85 -40.58 19.52
CA ASP B 52 -19.24 -41.79 18.98
C ASP B 52 -19.48 -42.06 17.49
N LYS B 53 -20.73 -41.93 17.05
CA LYS B 53 -21.08 -42.18 15.65
C LYS B 53 -20.46 -41.19 14.66
N PHE B 54 -19.59 -40.30 15.12
CA PHE B 54 -18.96 -39.33 14.22
C PHE B 54 -17.45 -39.50 14.22
N LEU B 55 -16.93 -40.06 15.31
CA LEU B 55 -15.50 -40.28 15.43
C LEU B 55 -14.97 -41.14 14.30
N ASP B 56 -15.88 -41.87 13.67
CA ASP B 56 -15.53 -42.79 12.62
C ASP B 56 -16.26 -42.57 11.27
N GLN B 57 -16.85 -41.38 11.11
CA GLN B 57 -17.61 -41.02 9.92
C GLN B 57 -16.86 -41.02 8.60
N ASP B 58 -17.59 -41.22 7.52
CA ASP B 58 -17.03 -41.20 6.19
C ASP B 58 -16.70 -39.73 5.88
N ASN B 59 -15.63 -39.47 5.13
CA ASN B 59 -15.21 -38.10 4.82
C ASN B 59 -16.09 -37.15 4.01
N VAL B 60 -16.70 -37.60 2.91
CA VAL B 60 -17.52 -36.64 2.18
C VAL B 60 -18.80 -36.45 2.97
N MET B 61 -19.18 -37.47 3.72
CA MET B 61 -20.37 -37.39 4.56
C MET B 61 -20.12 -36.34 5.68
N ASP B 62 -18.87 -36.25 6.16
CA ASP B 62 -18.49 -35.29 7.21
C ASP B 62 -18.44 -33.85 6.67
N LEU B 63 -17.75 -33.66 5.54
CA LEU B 63 -17.66 -32.32 4.95
C LEU B 63 -18.99 -31.85 4.39
N ALA B 64 -19.74 -32.78 3.79
CA ALA B 64 -21.02 -32.42 3.23
C ALA B 64 -21.88 -31.90 4.37
N GLN B 65 -21.82 -32.59 5.50
CA GLN B 65 -22.60 -32.21 6.69
C GLN B 65 -22.17 -30.85 7.24
N PHE B 66 -20.86 -30.66 7.36
CA PHE B 66 -20.30 -29.43 7.87
C PHE B 66 -20.73 -28.22 7.04
N TYR B 67 -20.44 -28.25 5.73
CA TYR B 67 -20.79 -27.14 4.86
C TYR B 67 -22.27 -26.94 4.65
N ALA B 68 -23.08 -27.89 5.08
CA ALA B 68 -24.52 -27.73 4.98
C ALA B 68 -24.80 -26.71 6.08
N LEU B 69 -24.24 -26.95 7.26
CA LEU B 69 -24.38 -26.07 8.40
C LEU B 69 -23.84 -24.69 8.08
N LEU B 70 -22.68 -24.64 7.44
CA LEU B 70 -22.06 -23.38 7.08
C LEU B 70 -22.88 -22.56 6.08
N GLY B 71 -23.61 -23.22 5.19
CA GLY B 71 -24.40 -22.48 4.24
C GLY B 71 -25.70 -22.03 4.88
N ALA B 72 -26.10 -22.74 5.92
CA ALA B 72 -27.32 -22.41 6.63
C ALA B 72 -27.06 -21.08 7.34
N LEU B 73 -25.86 -20.95 7.93
CA LEU B 73 -25.46 -19.73 8.62
C LEU B 73 -25.38 -18.56 7.64
N SER B 74 -25.29 -18.86 6.35
CA SER B 74 -25.20 -17.82 5.35
C SER B 74 -26.27 -16.75 5.54
N TYR B 75 -27.44 -17.17 5.99
CA TYR B 75 -28.56 -16.28 6.21
C TYR B 75 -28.69 -15.75 7.63
N SER B 76 -27.77 -16.18 8.50
CA SER B 76 -27.75 -15.74 9.90
C SER B 76 -26.28 -15.85 10.37
N PRO B 77 -25.40 -15.08 9.71
CA PRO B 77 -23.95 -14.93 9.87
C PRO B 77 -23.31 -14.84 11.23
N TYR B 78 -23.89 -14.04 12.13
CA TYR B 78 -23.27 -13.85 13.43
C TYR B 78 -24.12 -14.07 14.70
N GLY B 79 -25.37 -14.48 14.53
CA GLY B 79 -26.21 -14.71 15.69
C GLY B 79 -25.82 -15.84 16.64
N ILE B 80 -26.85 -16.59 17.05
CA ILE B 80 -26.71 -17.70 17.98
C ILE B 80 -26.41 -19.00 17.26
N GLU B 81 -27.00 -19.17 16.08
CA GLU B 81 -26.77 -20.37 15.33
C GLU B 81 -25.27 -20.53 15.11
N LEU B 82 -24.62 -19.43 14.75
CA LEU B 82 -23.18 -19.43 14.50
C LEU B 82 -22.38 -20.08 15.61
N GLU B 83 -22.66 -19.68 16.84
CA GLU B 83 -21.94 -20.22 17.98
C GLU B 83 -22.26 -21.67 18.27
N LEU B 84 -23.49 -22.06 17.93
CA LEU B 84 -23.94 -23.42 18.15
C LEU B 84 -23.22 -24.33 17.17
N VAL B 85 -23.15 -23.91 15.92
CA VAL B 85 -22.47 -24.66 14.88
C VAL B 85 -21.00 -24.80 15.25
N LYS B 86 -20.38 -23.68 15.64
CA LYS B 86 -18.98 -23.67 16.05
C LYS B 86 -18.78 -24.70 17.14
N LYS B 87 -19.63 -24.59 18.15
CA LYS B 87 -19.59 -25.46 19.32
C LYS B 87 -19.67 -26.92 18.93
N ALA B 88 -20.75 -27.29 18.24
CA ALA B 88 -20.93 -28.66 17.83
C ALA B 88 -19.70 -29.25 17.11
N ASN B 89 -19.36 -28.69 15.95
CA ASN B 89 -18.22 -29.20 15.18
C ASN B 89 -16.91 -29.18 15.95
N LEU B 90 -16.74 -28.17 16.79
CA LEU B 90 -15.54 -28.09 17.59
C LEU B 90 -15.47 -29.31 18.50
N ILE B 91 -16.62 -29.76 19.02
CA ILE B 91 -16.63 -30.95 19.86
C ILE B 91 -16.15 -32.15 19.07
N ILE B 92 -16.75 -32.35 17.89
CA ILE B 92 -16.41 -33.45 17.01
C ILE B 92 -14.94 -33.46 16.53
N TYR B 93 -14.49 -32.39 15.90
CA TYR B 93 -13.11 -32.35 15.44
C TYR B 93 -12.10 -32.45 16.59
N SER B 94 -12.41 -31.82 17.72
CA SER B 94 -11.51 -31.90 18.87
C SER B 94 -11.37 -33.37 19.24
N GLU B 95 -12.49 -34.07 19.31
CA GLU B 95 -12.48 -35.47 19.65
C GLU B 95 -11.67 -36.29 18.65
N ARG B 96 -11.81 -35.98 17.36
CA ARG B 96 -11.08 -36.68 16.31
C ARG B 96 -9.58 -36.45 16.49
N LEU B 97 -9.21 -35.17 16.60
CA LEU B 97 -7.81 -34.76 16.78
C LEU B 97 -7.19 -35.38 18.02
N LYS B 98 -7.94 -35.32 19.12
CA LYS B 98 -7.50 -35.84 20.41
C LYS B 98 -7.07 -37.30 20.32
N ARG B 99 -7.85 -38.10 19.59
CA ARG B 99 -7.57 -39.53 19.44
C ARG B 99 -6.55 -39.83 18.36
N LYS B 100 -6.22 -38.82 17.56
CA LYS B 100 -5.26 -39.04 16.48
C LYS B 100 -3.84 -39.29 16.98
N LYS B 101 -3.36 -40.49 16.73
CA LYS B 101 -2.02 -40.88 17.13
C LYS B 101 -1.02 -39.83 16.67
N GLU B 102 -0.96 -39.60 15.36
CA GLU B 102 -0.02 -38.64 14.79
C GLU B 102 -0.71 -37.66 13.84
N ILE B 103 -0.53 -36.36 14.09
CA ILE B 103 -1.16 -35.34 13.25
C ILE B 103 -0.23 -34.73 12.22
N LYS B 104 -0.54 -34.99 10.95
CA LYS B 104 0.26 -34.46 9.84
C LYS B 104 -0.10 -33.00 9.55
N PRO B 105 0.82 -32.25 8.92
CA PRO B 105 0.63 -30.83 8.58
C PRO B 105 -0.63 -30.49 7.80
N GLU B 106 -0.94 -31.29 6.77
CA GLU B 106 -2.11 -31.05 5.93
C GLU B 106 -3.46 -31.42 6.53
N GLU B 107 -3.45 -31.99 7.72
CA GLU B 107 -4.69 -32.39 8.34
C GLU B 107 -5.28 -31.24 9.13
N ILE B 108 -4.45 -30.26 9.46
CA ILE B 108 -4.92 -29.07 10.19
C ILE B 108 -4.50 -27.80 9.49
N SER B 109 -5.27 -26.73 9.68
CA SER B 109 -4.99 -25.46 9.01
C SER B 109 -4.30 -24.36 9.82
N ILE B 110 -3.19 -24.71 10.47
CA ILE B 110 -2.41 -23.73 11.23
C ILE B 110 -0.94 -24.14 11.11
N ASP B 111 -0.06 -23.14 11.02
CA ASP B 111 1.36 -23.40 10.85
C ASP B 111 2.01 -24.00 12.07
N VAL B 112 2.05 -25.31 12.10
CA VAL B 112 2.66 -26.03 13.19
C VAL B 112 3.76 -26.89 12.62
N SER B 113 4.94 -26.83 13.22
CA SER B 113 6.05 -27.64 12.76
C SER B 113 6.20 -28.84 13.68
N THR B 114 6.92 -29.87 13.23
CA THR B 114 7.10 -31.05 14.05
C THR B 114 8.59 -31.22 14.30
N ALA B 115 9.32 -30.12 14.14
CA ALA B 115 10.76 -30.11 14.37
C ALA B 115 11.04 -29.71 15.82
N ILE B 116 10.57 -30.52 16.76
CA ILE B 116 10.77 -30.25 18.18
C ILE B 116 12.24 -30.44 18.56
N GLU B 117 13.09 -29.51 18.14
CA GLU B 117 14.51 -29.59 18.45
C GLU B 117 14.93 -28.55 19.51
N PHE B 118 15.43 -29.05 20.65
CA PHE B 118 15.85 -28.19 21.75
C PHE B 118 17.01 -28.83 22.52
N PRO B 119 17.80 -28.00 23.23
CA PRO B 119 18.95 -28.51 24.01
C PRO B 119 18.47 -29.33 25.22
N THR B 120 18.81 -30.62 25.23
CA THR B 120 18.40 -31.51 26.31
C THR B 120 18.74 -31.05 27.71
N GLU B 121 19.27 -29.84 27.80
CA GLU B 121 19.64 -29.26 29.09
C GLU B 121 18.35 -28.81 29.78
N ASP B 122 17.35 -28.52 28.97
CA ASP B 122 16.06 -28.09 29.48
C ASP B 122 15.05 -29.21 29.47
N VAL B 123 15.49 -30.43 29.20
CA VAL B 123 14.56 -31.55 29.18
C VAL B 123 13.85 -31.59 30.53
N ARG B 124 14.63 -31.61 31.61
CA ARG B 124 14.07 -31.67 32.95
C ARG B 124 13.12 -30.51 33.20
N LYS B 125 13.64 -29.31 32.98
CA LYS B 125 12.87 -28.08 33.18
C LYS B 125 11.57 -28.12 32.38
N ILE B 126 11.68 -28.38 31.07
CA ILE B 126 10.51 -28.47 30.20
C ILE B 126 9.51 -29.50 30.76
N GLU B 127 10.04 -30.59 31.29
CA GLU B 127 9.23 -31.67 31.85
C GLU B 127 8.48 -31.31 33.14
N ARG B 128 9.00 -30.35 33.89
CA ARG B 128 8.33 -29.90 35.11
C ARG B 128 7.36 -28.79 34.71
N VAL B 129 7.06 -28.70 33.43
CA VAL B 129 6.15 -27.69 32.89
C VAL B 129 5.13 -28.28 31.93
N TYR B 130 5.57 -29.19 31.06
CA TYR B 130 4.65 -29.82 30.10
C TYR B 130 4.27 -31.24 30.54
N GLY B 131 4.97 -31.76 31.54
CA GLY B 131 4.69 -33.11 32.02
C GLY B 131 5.33 -34.12 31.08
N LYS B 132 5.24 -33.84 29.79
CA LYS B 132 5.81 -34.67 28.74
C LYS B 132 6.74 -33.75 27.95
N ILE B 133 7.31 -34.27 26.88
CA ILE B 133 8.18 -33.46 26.05
C ILE B 133 7.34 -32.98 24.86
N PRO B 134 7.30 -31.67 24.62
CA PRO B 134 6.56 -31.04 23.53
C PRO B 134 6.68 -31.79 22.21
N GLU B 135 5.57 -31.89 21.49
CA GLU B 135 5.58 -32.56 20.20
C GLU B 135 5.17 -31.62 19.06
N TYR B 136 5.06 -30.33 19.37
CA TYR B 136 4.67 -29.31 18.40
C TYR B 136 5.32 -27.97 18.72
N THR B 137 5.42 -27.11 17.72
CA THR B 137 5.96 -25.76 17.90
C THR B 137 5.24 -24.83 16.92
N MET B 138 5.35 -23.53 17.17
CA MET B 138 4.71 -22.52 16.33
C MET B 138 5.51 -21.26 16.42
N LYS B 139 5.38 -20.40 15.41
CA LYS B 139 6.05 -19.13 15.42
C LYS B 139 5.30 -18.27 16.44
N ILE B 140 6.05 -17.50 17.21
CA ILE B 140 5.47 -16.64 18.22
C ILE B 140 4.30 -15.83 17.69
N SER B 141 4.48 -15.23 16.52
CA SER B 141 3.42 -14.43 15.93
C SER B 141 2.18 -15.23 15.56
N ASP B 142 2.38 -16.39 14.94
CA ASP B 142 1.25 -17.22 14.59
C ASP B 142 0.52 -17.48 15.89
N PHE B 143 1.28 -17.94 16.88
CA PHE B 143 0.78 -18.26 18.20
C PHE B 143 0.01 -17.14 18.87
N LEU B 144 0.63 -15.97 19.02
CA LEU B 144 -0.03 -14.85 19.65
C LEU B 144 -1.23 -14.37 18.84
N ASP B 145 -1.19 -14.65 17.55
CA ASP B 145 -2.26 -14.28 16.64
C ASP B 145 -3.55 -15.00 17.00
N LEU B 146 -3.43 -16.26 17.38
CA LEU B 146 -4.59 -17.04 17.76
C LEU B 146 -4.93 -16.91 19.24
N VAL B 147 -3.90 -16.88 20.08
CA VAL B 147 -4.12 -16.77 21.52
C VAL B 147 -3.39 -15.60 22.20
N PRO B 148 -3.74 -14.36 21.85
CA PRO B 148 -3.07 -13.22 22.47
C PRO B 148 -3.19 -13.20 23.98
N ASP B 149 -4.17 -13.93 24.51
CA ASP B 149 -4.38 -14.01 25.95
C ASP B 149 -3.16 -14.62 26.62
N GLU B 150 -2.60 -15.63 25.98
CA GLU B 150 -1.46 -16.36 26.49
C GLU B 150 -0.24 -15.51 26.80
N LYS B 151 0.52 -15.98 27.78
CA LYS B 151 1.74 -15.31 28.16
C LYS B 151 2.87 -16.23 27.75
N LEU B 152 3.76 -15.76 26.89
CA LEU B 152 4.87 -16.58 26.45
C LEU B 152 5.57 -17.29 27.59
N ALA B 153 5.65 -16.62 28.72
CA ALA B 153 6.29 -17.18 29.91
C ALA B 153 5.68 -18.51 30.36
N ASN B 154 4.38 -18.72 30.17
CA ASN B 154 3.75 -19.98 30.57
C ASN B 154 4.26 -21.14 29.71
N TYR B 155 5.09 -20.82 28.71
CA TYR B 155 5.61 -21.83 27.81
C TYR B 155 7.11 -21.80 27.63
N TYR B 156 7.61 -22.87 27.03
CA TYR B 156 9.03 -22.96 26.74
C TYR B 156 9.14 -22.20 25.45
N ILE B 157 9.94 -21.15 25.45
CA ILE B 157 10.14 -20.34 24.26
C ILE B 157 11.58 -20.57 23.86
N TYR B 158 11.87 -20.45 22.57
CA TYR B 158 13.21 -20.69 22.11
C TYR B 158 13.41 -20.21 20.68
N GLU B 159 14.06 -19.06 20.52
CA GLU B 159 14.32 -18.52 19.19
C GLU B 159 13.07 -18.49 18.31
N GLY B 160 12.18 -17.55 18.62
CA GLY B 160 10.96 -17.39 17.84
C GLY B 160 9.90 -18.46 17.96
N ARG B 161 10.22 -19.63 18.53
CA ARG B 161 9.21 -20.68 18.63
C ARG B 161 8.62 -21.02 20.00
N VAL B 162 7.31 -21.26 20.00
CA VAL B 162 6.56 -21.62 21.19
C VAL B 162 6.36 -23.13 21.13
N TYR B 163 6.83 -23.86 22.13
CA TYR B 163 6.66 -25.30 22.11
C TYR B 163 5.30 -25.70 22.68
N LEU B 164 4.67 -26.70 22.07
CA LEU B 164 3.33 -27.12 22.49
C LEU B 164 3.05 -28.61 22.72
N LYS B 165 1.94 -28.87 23.40
CA LYS B 165 1.47 -30.22 23.70
C LYS B 165 0.19 -30.45 22.93
N ARG B 166 -0.15 -31.70 22.68
CA ARG B 166 -1.38 -32.03 21.96
C ARG B 166 -2.53 -31.18 22.52
N GLU B 167 -2.58 -31.08 23.84
CA GLU B 167 -3.62 -30.31 24.50
C GLU B 167 -3.59 -28.82 24.11
N ASP B 168 -2.39 -28.29 23.92
CA ASP B 168 -2.21 -26.89 23.54
C ASP B 168 -2.59 -26.68 22.09
N LEU B 169 -1.99 -27.47 21.20
CA LEU B 169 -2.27 -27.36 19.79
C LEU B 169 -3.77 -27.22 19.61
N ILE B 170 -4.49 -28.18 20.16
CA ILE B 170 -5.94 -28.21 20.06
C ILE B 170 -6.69 -26.95 20.53
N ARG B 171 -6.21 -26.30 21.60
CA ARG B 171 -6.86 -25.08 22.09
C ARG B 171 -6.58 -23.94 21.12
N ILE B 172 -5.32 -23.84 20.70
CA ILE B 172 -4.94 -22.82 19.75
C ILE B 172 -5.76 -23.09 18.48
N TRP B 173 -5.75 -24.34 18.06
CA TRP B 173 -6.50 -24.72 16.87
C TRP B 173 -7.96 -24.28 16.95
N SER B 174 -8.62 -24.57 18.06
CA SER B 174 -10.02 -24.21 18.26
C SER B 174 -10.31 -22.75 17.88
N LYS B 175 -9.34 -21.89 18.13
CA LYS B 175 -9.51 -20.48 17.82
C LYS B 175 -9.38 -20.26 16.31
N ALA B 176 -8.40 -20.92 15.71
CA ALA B 176 -8.19 -20.80 14.27
C ALA B 176 -9.45 -21.33 13.57
N PHE B 177 -9.97 -22.45 14.08
CA PHE B 177 -11.16 -23.08 13.54
C PHE B 177 -12.35 -22.14 13.58
N GLU B 178 -12.50 -21.41 14.69
CA GLU B 178 -13.61 -20.47 14.84
C GLU B 178 -13.47 -19.29 13.88
N ARG B 179 -12.23 -18.94 13.56
CA ARG B 179 -11.97 -17.84 12.62
C ARG B 179 -12.49 -18.27 11.24
N ASN B 180 -12.12 -19.47 10.84
CA ASN B 180 -12.52 -20.01 9.54
C ASN B 180 -14.02 -20.16 9.39
N VAL B 181 -14.68 -20.72 10.39
CA VAL B 181 -16.12 -20.88 10.30
C VAL B 181 -16.71 -19.54 9.90
N GLU B 182 -16.22 -18.47 10.50
CA GLU B 182 -16.74 -17.16 10.18
C GLU B 182 -16.27 -16.66 8.81
N ARG B 183 -14.98 -16.78 8.52
CA ARG B 183 -14.50 -16.34 7.22
C ARG B 183 -15.35 -17.07 6.15
N GLY B 184 -15.62 -18.35 6.41
CA GLY B 184 -16.41 -19.15 5.50
C GLY B 184 -17.85 -18.66 5.40
N VAL B 185 -18.49 -18.51 6.55
CA VAL B 185 -19.87 -18.01 6.60
C VAL B 185 -19.99 -16.69 5.89
N ASN B 186 -18.92 -15.90 5.92
CA ASN B 186 -18.98 -14.60 5.26
C ASN B 186 -18.87 -14.69 3.77
N MET B 187 -18.14 -15.68 3.27
CA MET B 187 -18.06 -15.82 1.81
C MET B 187 -19.43 -16.34 1.34
N LEU B 188 -19.93 -17.37 2.00
CA LEU B 188 -21.23 -17.93 1.65
C LEU B 188 -22.30 -16.84 1.79
N TYR B 189 -22.06 -15.90 2.69
CA TYR B 189 -23.01 -14.81 2.91
C TYR B 189 -23.26 -14.03 1.62
N GLU B 190 -22.19 -13.65 0.93
CA GLU B 190 -22.31 -12.89 -0.31
C GLU B 190 -23.00 -13.65 -1.45
N ILE B 191 -22.99 -14.98 -1.36
CA ILE B 191 -23.56 -15.81 -2.40
C ILE B 191 -24.84 -16.52 -2.01
N ARG B 192 -25.31 -16.30 -0.78
CA ARG B 192 -26.50 -16.96 -0.28
C ARG B 192 -27.72 -16.93 -1.19
N ASP B 193 -27.85 -15.90 -2.02
CA ASP B 193 -29.00 -15.82 -2.90
C ASP B 193 -29.01 -16.86 -4.03
N GLU B 194 -27.89 -17.54 -4.23
CA GLU B 194 -27.79 -18.54 -5.29
C GLU B 194 -27.85 -19.97 -4.73
N LEU B 195 -28.05 -20.09 -3.42
CA LEU B 195 -28.14 -21.39 -2.78
C LEU B 195 -29.55 -21.96 -2.89
N PRO B 196 -29.67 -23.29 -2.82
CA PRO B 196 -30.99 -23.94 -2.91
C PRO B 196 -31.74 -23.91 -1.58
N GLU B 197 -33.04 -24.17 -1.65
CA GLU B 197 -33.94 -24.15 -0.49
C GLU B 197 -33.38 -24.91 0.72
N PHE B 198 -32.69 -26.00 0.44
CA PHE B 198 -32.09 -26.85 1.47
C PHE B 198 -31.43 -26.08 2.61
N TYR B 199 -30.52 -25.17 2.25
CA TYR B 199 -29.78 -24.40 3.25
C TYR B 199 -30.67 -23.57 4.17
N ARG B 200 -31.77 -23.08 3.62
CA ARG B 200 -32.73 -22.30 4.39
C ARG B 200 -33.44 -23.20 5.42
N LYS B 201 -33.84 -24.39 4.97
CA LYS B 201 -34.51 -25.32 5.84
C LYS B 201 -33.60 -25.69 7.00
N VAL B 202 -32.33 -25.90 6.68
CA VAL B 202 -31.34 -26.27 7.68
C VAL B 202 -31.25 -25.21 8.75
N LEU B 203 -31.27 -23.94 8.34
CA LEU B 203 -31.17 -22.85 9.29
C LEU B 203 -32.34 -22.94 10.28
N GLY B 204 -33.55 -23.03 9.75
CA GLY B 204 -34.72 -23.13 10.61
C GLY B 204 -34.55 -24.23 11.65
N GLU B 205 -34.16 -25.43 11.21
CA GLU B 205 -33.97 -26.54 12.13
C GLU B 205 -33.00 -26.20 13.24
N ILE B 206 -31.99 -25.39 12.92
CA ILE B 206 -31.00 -24.99 13.92
C ILE B 206 -31.68 -24.04 14.88
N GLN B 207 -32.31 -23.00 14.32
CA GLN B 207 -33.01 -22.02 15.14
C GLN B 207 -34.01 -22.78 16.04
N ALA B 208 -34.77 -23.68 15.43
CA ALA B 208 -35.74 -24.49 16.16
C ALA B 208 -35.07 -25.26 17.29
N PHE B 209 -33.95 -25.89 17.00
CA PHE B 209 -33.22 -26.63 18.02
C PHE B 209 -32.67 -25.67 19.05
N ALA B 210 -32.65 -24.39 18.71
CA ALA B 210 -32.12 -23.36 19.60
C ALA B 210 -33.21 -22.89 20.55
N GLU B 211 -34.12 -22.07 20.03
CA GLU B 211 -35.22 -21.55 20.83
C GLU B 211 -36.12 -22.70 21.24
N GLU B 212 -35.57 -23.60 22.04
CA GLU B 212 -36.30 -24.77 22.49
C GLU B 212 -35.39 -25.57 23.41
N GLU B 213 -34.28 -26.07 22.87
CA GLU B 213 -33.33 -26.83 23.66
C GLU B 213 -32.63 -25.88 24.63
N PHE B 214 -32.71 -24.59 24.31
CA PHE B 214 -32.13 -23.54 25.14
C PHE B 214 -33.04 -22.32 25.09
N MET C 1 10.49 36.71 -34.30
CA MET C 1 9.35 35.84 -33.86
C MET C 1 9.82 34.39 -33.67
N MET C 2 11.02 34.07 -34.14
CA MET C 2 11.56 32.71 -34.00
C MET C 2 12.66 32.68 -32.94
N ILE C 3 12.25 32.78 -31.68
CA ILE C 3 13.19 32.79 -30.58
C ILE C 3 13.06 31.57 -29.69
N MET C 4 14.17 31.16 -29.08
CA MET C 4 14.17 30.01 -28.18
C MET C 4 13.53 30.40 -26.86
N LEU C 5 12.43 29.75 -26.52
CA LEU C 5 11.76 30.02 -25.26
C LEU C 5 12.20 28.96 -24.25
N ASP C 6 12.54 27.79 -24.78
CA ASP C 6 12.98 26.65 -23.99
C ASP C 6 13.95 25.80 -24.85
N PRO C 7 15.20 25.64 -24.39
CA PRO C 7 16.20 24.86 -25.13
C PRO C 7 15.90 23.38 -25.17
N PHE C 8 14.84 22.98 -24.48
CA PHE C 8 14.52 21.56 -24.42
C PHE C 8 13.18 21.27 -25.06
N SER C 9 12.62 22.29 -25.72
CA SER C 9 11.33 22.17 -26.39
C SER C 9 11.41 21.32 -27.66
N GLU C 10 10.25 20.91 -28.18
CA GLU C 10 10.20 20.12 -29.39
C GLU C 10 10.84 20.97 -30.50
N LYS C 11 10.58 22.28 -30.43
CA LYS C 11 11.11 23.24 -31.39
C LYS C 11 12.61 23.25 -31.33
N ALA C 12 13.16 23.09 -30.13
CA ALA C 12 14.60 23.07 -29.97
C ALA C 12 15.16 21.72 -30.45
N LYS C 13 14.46 20.64 -30.12
CA LYS C 13 14.90 19.30 -30.49
C LYS C 13 14.93 19.12 -32.01
N GLU C 14 13.88 19.56 -32.68
CA GLU C 14 13.82 19.45 -34.13
C GLU C 14 14.96 20.22 -34.78
N LEU C 15 15.12 21.48 -34.38
CA LEU C 15 16.17 22.31 -34.92
C LEU C 15 17.55 21.66 -34.80
N LEU C 16 17.75 20.91 -33.72
CA LEU C 16 19.02 20.23 -33.48
C LEU C 16 19.18 18.96 -34.29
N LYS C 17 18.13 18.55 -34.98
CA LYS C 17 18.21 17.35 -35.79
C LYS C 17 18.95 17.65 -37.09
N GLY C 18 18.88 18.90 -37.52
CA GLY C 18 19.57 19.30 -38.74
C GLY C 18 21.04 18.96 -38.65
N PHE C 19 21.51 18.73 -37.42
CA PHE C 19 22.91 18.38 -37.17
C PHE C 19 22.97 16.90 -36.87
N GLY C 20 21.80 16.31 -36.68
CA GLY C 20 21.75 14.89 -36.38
C GLY C 20 22.18 14.58 -34.96
N SER C 21 23.35 13.96 -34.84
CA SER C 21 23.90 13.58 -33.54
C SER C 21 24.30 14.79 -32.72
N ILE C 22 24.05 14.72 -31.42
CA ILE C 22 24.39 15.82 -30.56
C ILE C 22 25.91 16.01 -30.55
N ASN C 23 26.66 14.94 -30.77
CA ASN C 23 28.11 15.04 -30.82
C ASN C 23 28.52 15.99 -31.93
N ASP C 24 27.81 15.90 -33.06
CA ASP C 24 28.07 16.73 -34.22
C ASP C 24 27.82 18.19 -33.89
N PHE C 25 26.71 18.45 -33.22
CA PHE C 25 26.38 19.82 -32.82
C PHE C 25 27.48 20.32 -31.89
N MET C 26 27.86 19.50 -30.90
CA MET C 26 28.89 19.87 -29.94
C MET C 26 30.21 20.19 -30.66
N ASP C 27 30.47 19.47 -31.75
CA ASP C 27 31.68 19.74 -32.52
C ASP C 27 31.53 21.05 -33.29
N ALA C 28 30.31 21.34 -33.72
CA ALA C 28 30.04 22.57 -34.48
C ALA C 28 30.07 23.84 -33.64
N ILE C 29 29.51 23.78 -32.43
CA ILE C 29 29.43 24.95 -31.57
C ILE C 29 30.65 25.89 -31.56
N PRO C 30 31.89 25.35 -31.45
CA PRO C 30 33.09 26.20 -31.45
C PRO C 30 33.26 27.03 -32.75
N LYS C 31 32.68 26.55 -33.85
CA LYS C 31 32.77 27.25 -35.13
C LYS C 31 31.71 28.35 -35.23
N ILE C 32 30.74 28.31 -34.33
CA ILE C 32 29.65 29.28 -34.30
C ILE C 32 29.87 30.41 -33.30
N VAL C 33 30.33 30.07 -32.10
CA VAL C 33 30.54 31.09 -31.08
C VAL C 33 31.91 31.17 -30.48
N SER C 34 32.14 32.29 -29.79
CA SER C 34 33.39 32.54 -29.12
C SER C 34 33.18 32.35 -27.62
N VAL C 35 34.24 31.94 -26.93
CA VAL C 35 34.17 31.76 -25.50
C VAL C 35 33.67 33.08 -24.90
N ASP C 36 34.23 34.21 -25.35
CA ASP C 36 33.81 35.50 -24.83
C ASP C 36 32.30 35.66 -24.94
N ASP C 37 31.74 35.32 -26.08
CA ASP C 37 30.29 35.47 -26.26
C ASP C 37 29.51 34.64 -25.27
N VAL C 38 29.93 33.39 -25.09
CA VAL C 38 29.30 32.46 -24.15
C VAL C 38 29.39 33.00 -22.72
N ILE C 39 30.61 33.35 -22.29
CA ILE C 39 30.81 33.88 -20.95
C ILE C 39 29.96 35.12 -20.70
N GLU C 40 29.81 35.96 -21.71
CA GLU C 40 29.02 37.16 -21.55
C GLU C 40 27.59 36.77 -21.20
N ARG C 41 27.13 35.69 -21.82
CA ARG C 41 25.79 35.16 -21.59
C ARG C 41 25.56 34.96 -20.10
N ILE C 42 26.61 34.53 -19.41
CA ILE C 42 26.55 34.29 -17.99
C ILE C 42 26.48 35.56 -17.15
N ARG C 43 27.17 36.61 -17.59
CA ARG C 43 27.19 37.87 -16.84
C ARG C 43 25.83 38.51 -16.70
N VAL C 44 24.81 37.83 -17.20
CA VAL C 44 23.44 38.33 -17.12
C VAL C 44 22.99 38.29 -15.66
N VAL C 45 23.81 37.72 -14.80
CA VAL C 45 23.47 37.66 -13.39
C VAL C 45 24.01 38.89 -12.68
N LYS C 46 25.08 39.47 -13.22
CA LYS C 46 25.71 40.64 -12.63
C LYS C 46 25.22 41.95 -13.27
N ASN C 47 25.47 42.11 -14.57
CA ASN C 47 25.05 43.31 -15.31
C ASN C 47 23.68 43.06 -15.95
N GLU C 48 22.67 43.71 -15.39
CA GLU C 48 21.30 43.57 -15.83
C GLU C 48 21.03 44.14 -17.22
N LYS C 49 21.78 45.16 -17.62
CA LYS C 49 21.59 45.76 -18.94
C LYS C 49 21.91 44.71 -20.00
N LEU C 50 22.77 43.77 -19.63
CA LEU C 50 23.21 42.71 -20.51
C LEU C 50 22.15 41.78 -21.08
N ILE C 51 20.95 41.81 -20.49
CA ILE C 51 19.86 40.94 -20.91
C ILE C 51 19.27 41.27 -22.29
N ASP C 52 19.08 42.56 -22.57
CA ASP C 52 18.50 43.03 -23.82
C ASP C 52 19.07 42.40 -25.09
N LYS C 53 20.38 42.29 -25.17
CA LYS C 53 20.99 41.69 -26.34
C LYS C 53 20.71 40.18 -26.46
N PHE C 54 19.73 39.68 -25.72
CA PHE C 54 19.40 38.27 -25.77
C PHE C 54 17.93 38.02 -26.02
N LEU C 55 17.12 39.04 -25.78
CA LEU C 55 15.68 38.98 -25.96
C LEU C 55 15.30 38.57 -27.37
N ASP C 56 15.97 39.15 -28.36
CA ASP C 56 15.65 38.83 -29.75
C ASP C 56 16.78 38.10 -30.47
N GLN C 57 17.54 37.32 -29.73
CA GLN C 57 18.65 36.55 -30.26
C GLN C 57 18.13 35.46 -31.21
N ASP C 58 19.04 34.84 -31.95
CA ASP C 58 18.67 33.79 -32.89
C ASP C 58 18.54 32.48 -32.15
N ASN C 59 17.73 31.59 -32.68
CA ASN C 59 17.52 30.29 -32.04
C ASN C 59 18.76 29.39 -32.08
N VAL C 60 19.39 29.25 -33.24
CA VAL C 60 20.57 28.39 -33.32
C VAL C 60 21.71 29.02 -32.53
N MET C 61 21.81 30.33 -32.62
CA MET C 61 22.84 31.07 -31.92
C MET C 61 22.63 30.89 -30.42
N ASP C 62 21.36 30.79 -30.01
CA ASP C 62 21.03 30.61 -28.62
C ASP C 62 21.39 29.20 -28.17
N LEU C 63 20.94 28.20 -28.93
CA LEU C 63 21.24 26.83 -28.58
C LEU C 63 22.74 26.61 -28.52
N ALA C 64 23.45 27.12 -29.52
CA ALA C 64 24.90 26.94 -29.54
C ALA C 64 25.55 27.44 -28.23
N GLN C 65 25.16 28.63 -27.77
CA GLN C 65 25.69 29.19 -26.54
C GLN C 65 25.27 28.37 -25.33
N PHE C 66 23.98 28.05 -25.27
CA PHE C 66 23.43 27.27 -24.17
C PHE C 66 24.12 25.91 -24.08
N TYR C 67 24.34 25.28 -25.24
CA TYR C 67 24.99 23.97 -25.22
C TYR C 67 26.50 24.02 -25.04
N ALA C 68 27.05 25.23 -25.11
CA ALA C 68 28.48 25.41 -24.89
C ALA C 68 28.63 25.37 -23.36
N LEU C 69 27.71 26.03 -22.67
CA LEU C 69 27.73 26.07 -21.22
C LEU C 69 27.57 24.68 -20.64
N LEU C 70 26.64 23.88 -21.17
CA LEU C 70 26.45 22.52 -20.64
C LEU C 70 27.69 21.70 -20.92
N GLY C 71 28.24 21.85 -22.12
CA GLY C 71 29.43 21.12 -22.49
C GLY C 71 30.56 21.36 -21.50
N ALA C 72 30.68 22.59 -21.00
CA ALA C 72 31.72 22.91 -20.04
C ALA C 72 31.37 22.36 -18.65
N LEU C 73 30.08 22.23 -18.37
CA LEU C 73 29.67 21.69 -17.10
C LEU C 73 29.84 20.18 -17.12
N SER C 74 29.94 19.60 -18.32
CA SER C 74 30.09 18.15 -18.40
C SER C 74 31.30 17.73 -17.59
N TYR C 75 32.28 18.62 -17.46
CA TYR C 75 33.49 18.34 -16.70
C TYR C 75 33.32 18.53 -15.20
N SER C 76 32.65 19.61 -14.79
CA SER C 76 32.39 19.91 -13.38
C SER C 76 30.88 19.82 -13.11
N PRO C 77 30.29 18.60 -13.18
CA PRO C 77 28.86 18.34 -12.96
C PRO C 77 28.21 18.59 -11.61
N TYR C 78 28.98 18.80 -10.55
CA TYR C 78 28.37 19.01 -9.24
C TYR C 78 28.77 20.30 -8.56
N GLY C 79 29.54 21.12 -9.28
CA GLY C 79 30.01 22.37 -8.71
C GLY C 79 29.03 23.52 -8.60
N ILE C 80 29.57 24.67 -8.26
CA ILE C 80 28.73 25.84 -8.11
C ILE C 80 28.51 26.51 -9.49
N GLU C 81 29.22 26.04 -10.50
CA GLU C 81 29.06 26.59 -11.85
C GLU C 81 27.71 26.18 -12.36
N LEU C 82 27.32 24.94 -12.10
CA LEU C 82 26.03 24.44 -12.52
C LEU C 82 24.90 25.35 -12.05
N GLU C 83 25.04 25.97 -10.89
CA GLU C 83 23.98 26.85 -10.41
C GLU C 83 24.02 28.16 -11.16
N LEU C 84 25.22 28.68 -11.36
CA LEU C 84 25.40 29.93 -12.09
C LEU C 84 24.83 29.82 -13.51
N VAL C 85 25.08 28.70 -14.18
CA VAL C 85 24.55 28.49 -15.53
C VAL C 85 23.03 28.40 -15.47
N LYS C 86 22.53 27.59 -14.54
CA LYS C 86 21.10 27.43 -14.34
C LYS C 86 20.44 28.81 -14.16
N LYS C 87 21.07 29.62 -13.32
CA LYS C 87 20.57 30.95 -12.99
C LYS C 87 20.56 31.92 -14.17
N ALA C 88 21.70 32.05 -14.83
CA ALA C 88 21.83 32.94 -15.97
C ALA C 88 20.75 32.64 -17.01
N ASN C 89 20.79 31.44 -17.56
CA ASN C 89 19.84 31.05 -18.57
C ASN C 89 18.36 31.18 -18.16
N LEU C 90 18.07 30.88 -16.92
CA LEU C 90 16.71 30.98 -16.44
C LEU C 90 16.24 32.44 -16.61
N ILE C 91 17.16 33.38 -16.36
CA ILE C 91 16.83 34.80 -16.51
C ILE C 91 16.46 35.12 -17.96
N ILE C 92 17.30 34.67 -18.89
CA ILE C 92 17.08 34.89 -20.31
C ILE C 92 15.78 34.26 -20.84
N TYR C 93 15.66 32.93 -20.77
CA TYR C 93 14.46 32.26 -21.27
C TYR C 93 13.21 32.81 -20.59
N SER C 94 13.30 33.10 -19.30
CA SER C 94 12.13 33.63 -18.62
C SER C 94 11.73 34.95 -19.25
N GLU C 95 12.70 35.86 -19.34
CA GLU C 95 12.47 37.18 -19.93
C GLU C 95 11.79 37.09 -21.30
N ARG C 96 12.10 36.05 -22.07
CA ARG C 96 11.50 35.88 -23.39
C ARG C 96 10.11 35.29 -23.29
N LEU C 97 9.85 34.56 -22.21
CA LEU C 97 8.55 33.92 -22.01
C LEU C 97 7.48 34.91 -21.58
N LYS C 98 7.82 35.86 -20.70
CA LYS C 98 6.82 36.81 -20.27
C LYS C 98 6.70 37.93 -21.28
N ARG C 99 7.35 37.74 -22.43
CA ARG C 99 7.34 38.72 -23.52
C ARG C 99 6.73 38.12 -24.78
N LYS C 100 6.35 36.84 -24.72
CA LYS C 100 5.77 36.18 -25.87
C LYS C 100 4.27 36.45 -25.95
N LYS C 101 3.78 36.67 -27.16
CA LYS C 101 2.36 36.93 -27.36
C LYS C 101 1.63 35.61 -27.15
N GLU C 102 1.90 34.69 -28.07
CA GLU C 102 1.31 33.35 -28.05
C GLU C 102 2.38 32.29 -27.76
N ILE C 103 2.22 31.56 -26.66
CA ILE C 103 3.18 30.51 -26.31
C ILE C 103 2.63 29.18 -26.82
N LYS C 104 3.12 28.78 -27.98
CA LYS C 104 2.71 27.53 -28.59
C LYS C 104 3.24 26.35 -27.79
N PRO C 105 2.57 25.19 -27.87
CA PRO C 105 2.99 23.99 -27.14
C PRO C 105 4.39 23.51 -27.52
N GLU C 106 4.71 23.56 -28.80
CA GLU C 106 6.00 23.10 -29.29
C GLU C 106 7.18 23.91 -28.75
N GLU C 107 6.91 25.14 -28.33
CA GLU C 107 7.98 26.01 -27.83
C GLU C 107 8.32 25.81 -26.36
N ILE C 108 7.63 24.91 -25.68
CA ILE C 108 7.90 24.69 -24.26
C ILE C 108 7.96 23.22 -23.86
N SER C 109 8.83 22.91 -22.89
CA SER C 109 9.05 21.53 -22.41
C SER C 109 7.86 20.84 -21.77
N ILE C 110 7.24 21.50 -20.79
CA ILE C 110 6.09 20.92 -20.12
C ILE C 110 4.87 21.06 -21.02
N ASP C 111 4.00 20.07 -20.96
CA ASP C 111 2.75 20.04 -21.73
C ASP C 111 1.85 21.18 -21.30
N VAL C 112 1.42 22.01 -22.24
CA VAL C 112 0.55 23.14 -21.91
C VAL C 112 -0.54 23.29 -22.97
N SER C 113 -1.55 24.09 -22.65
CA SER C 113 -2.65 24.28 -23.57
C SER C 113 -3.45 25.52 -23.18
N THR C 114 -4.24 26.01 -24.14
CA THR C 114 -5.04 27.20 -23.93
C THR C 114 -6.42 26.90 -23.34
N ALA C 115 -6.76 27.64 -22.29
CA ALA C 115 -8.02 27.50 -21.58
C ALA C 115 -9.23 28.05 -22.31
N ILE C 116 -10.41 27.60 -21.87
CA ILE C 116 -11.68 28.00 -22.47
C ILE C 116 -12.67 28.48 -21.39
N PRO C 134 -7.79 32.89 -16.47
CA PRO C 134 -6.62 32.03 -16.69
C PRO C 134 -6.49 31.71 -18.17
N GLU C 135 -5.27 31.62 -18.67
CA GLU C 135 -5.07 31.32 -20.07
C GLU C 135 -4.42 29.98 -20.37
N TYR C 136 -3.68 29.45 -19.41
CA TYR C 136 -2.99 28.19 -19.63
C TYR C 136 -3.45 27.03 -18.76
N THR C 137 -3.19 25.82 -19.24
CA THR C 137 -3.56 24.62 -18.50
C THR C 137 -2.53 23.49 -18.59
N MET C 138 -2.24 22.86 -17.46
CA MET C 138 -1.31 21.73 -17.36
C MET C 138 -2.09 20.56 -16.78
N LYS C 139 -1.71 19.33 -17.11
CA LYS C 139 -2.41 18.21 -16.51
C LYS C 139 -1.86 18.17 -15.07
N ILE C 140 -2.75 18.05 -14.09
CA ILE C 140 -2.32 18.03 -12.70
C ILE C 140 -1.06 17.22 -12.41
N SER C 141 -0.98 16.00 -12.93
CA SER C 141 0.19 15.16 -12.70
C SER C 141 1.48 15.92 -13.01
N ASP C 142 1.53 16.53 -14.20
CA ASP C 142 2.70 17.29 -14.61
C ASP C 142 2.88 18.45 -13.63
N PHE C 143 1.76 19.01 -13.18
CA PHE C 143 1.78 20.13 -12.24
C PHE C 143 2.29 19.71 -10.86
N LEU C 144 1.74 18.62 -10.34
CA LEU C 144 2.13 18.12 -9.02
C LEU C 144 3.57 17.68 -9.00
N ASP C 145 4.01 17.09 -10.10
CA ASP C 145 5.38 16.64 -10.21
C ASP C 145 6.41 17.78 -10.14
N LEU C 146 6.02 18.95 -10.62
CA LEU C 146 6.92 20.09 -10.62
C LEU C 146 6.83 20.97 -9.39
N VAL C 147 5.62 21.18 -8.88
CA VAL C 147 5.49 22.03 -7.71
C VAL C 147 4.88 21.32 -6.51
N PRO C 148 5.68 20.47 -5.83
CA PRO C 148 5.12 19.77 -4.66
C PRO C 148 4.74 20.94 -3.76
N ASP C 149 5.46 22.04 -4.01
CA ASP C 149 5.32 23.31 -3.33
C ASP C 149 3.87 23.81 -3.46
N GLU C 150 3.67 25.12 -3.32
CA GLU C 150 2.35 25.76 -3.41
C GLU C 150 1.27 24.87 -4.01
N LYS C 151 0.78 23.92 -3.20
CA LYS C 151 -0.22 22.95 -3.64
C LYS C 151 -1.36 23.51 -4.48
N LEU C 152 -1.79 22.69 -5.45
CA LEU C 152 -2.85 23.05 -6.38
C LEU C 152 -4.12 23.47 -5.66
N ALA C 153 -4.03 23.59 -4.35
CA ALA C 153 -5.19 24.00 -3.57
C ALA C 153 -5.63 25.39 -4.04
N ASN C 154 -4.69 26.32 -4.13
CA ASN C 154 -5.02 27.69 -4.52
C ASN C 154 -5.12 27.99 -6.02
N TYR C 155 -5.49 26.99 -6.82
CA TYR C 155 -5.66 27.16 -8.26
C TYR C 155 -7.02 26.63 -8.68
N TYR C 156 -7.40 26.85 -9.94
CA TYR C 156 -8.67 26.35 -10.45
C TYR C 156 -8.45 25.02 -11.16
N ILE C 157 -9.27 24.03 -10.84
CA ILE C 157 -9.13 22.72 -11.46
C ILE C 157 -10.38 22.36 -12.25
N TYR C 158 -10.26 21.39 -13.14
CA TYR C 158 -11.38 20.94 -13.96
C TYR C 158 -10.92 19.86 -14.92
N GLU C 159 -11.48 18.66 -14.76
CA GLU C 159 -11.14 17.51 -15.60
C GLU C 159 -9.65 17.21 -15.65
N GLY C 160 -9.04 17.09 -14.47
CA GLY C 160 -7.62 16.76 -14.38
C GLY C 160 -6.60 17.78 -14.88
N ARG C 161 -7.02 19.02 -15.10
CA ARG C 161 -6.11 20.07 -15.57
C ARG C 161 -6.08 21.26 -14.61
N VAL C 162 -4.90 21.84 -14.42
CA VAL C 162 -4.76 23.00 -13.55
C VAL C 162 -4.75 24.24 -14.43
N TYR C 163 -5.49 25.27 -14.01
CA TYR C 163 -5.56 26.51 -14.79
C TYR C 163 -4.70 27.58 -14.12
N LEU C 164 -3.81 28.18 -14.90
CA LEU C 164 -2.90 29.19 -14.36
C LEU C 164 -2.53 30.34 -15.28
N LYS C 165 -2.17 31.47 -14.67
CA LYS C 165 -1.78 32.67 -15.38
C LYS C 165 -0.35 32.47 -15.85
N ARG C 166 0.05 33.19 -16.90
CA ARG C 166 1.40 33.08 -17.42
C ARG C 166 2.47 33.16 -16.34
N GLU C 167 2.48 34.24 -15.57
CA GLU C 167 3.48 34.40 -14.50
C GLU C 167 3.68 33.09 -13.75
N ASP C 168 2.60 32.32 -13.63
CA ASP C 168 2.62 31.03 -12.94
C ASP C 168 3.30 29.96 -13.79
N LEU C 169 2.91 29.88 -15.05
CA LEU C 169 3.47 28.90 -15.97
C LEU C 169 4.99 29.00 -16.05
N ILE C 170 5.51 30.20 -15.80
CA ILE C 170 6.94 30.43 -15.86
C ILE C 170 7.63 30.01 -14.56
N ARG C 171 6.94 30.14 -13.43
CA ARG C 171 7.50 29.74 -12.14
C ARG C 171 7.59 28.23 -12.16
N ILE C 172 6.48 27.62 -12.56
CA ILE C 172 6.41 26.17 -12.68
C ILE C 172 7.51 25.71 -13.63
N TRP C 173 7.40 26.15 -14.88
CA TRP C 173 8.37 25.80 -15.91
C TRP C 173 9.83 25.89 -15.46
N SER C 174 10.12 26.80 -14.54
CA SER C 174 11.48 26.97 -14.03
C SER C 174 12.03 25.69 -13.42
N LYS C 175 11.19 24.99 -12.67
CA LYS C 175 11.61 23.74 -12.04
C LYS C 175 11.90 22.68 -13.10
N ALA C 176 11.07 22.65 -14.14
CA ALA C 176 11.28 21.70 -15.24
C ALA C 176 12.58 22.05 -15.95
N PHE C 177 12.83 23.35 -16.11
CA PHE C 177 14.04 23.81 -16.76
C PHE C 177 15.31 23.36 -16.04
N GLU C 178 15.39 23.74 -14.76
CA GLU C 178 16.54 23.40 -13.92
C GLU C 178 16.82 21.90 -13.90
N ARG C 179 15.77 21.10 -14.02
CA ARG C 179 15.95 19.65 -14.07
C ARG C 179 16.63 19.24 -15.35
N ASN C 180 16.08 19.66 -16.48
CA ASN C 180 16.69 19.33 -17.78
C ASN C 180 18.16 19.76 -17.85
N VAL C 181 18.47 20.95 -17.31
CA VAL C 181 19.85 21.39 -17.33
C VAL C 181 20.70 20.27 -16.75
N GLU C 182 20.21 19.68 -15.66
CA GLU C 182 20.90 18.59 -14.99
C GLU C 182 20.97 17.37 -15.91
N ARG C 183 19.81 16.89 -16.33
CA ARG C 183 19.74 15.73 -17.22
C ARG C 183 20.69 15.96 -18.41
N GLY C 184 20.64 17.15 -18.99
CA GLY C 184 21.50 17.45 -20.10
C GLY C 184 22.97 17.38 -19.76
N VAL C 185 23.36 17.92 -18.61
CA VAL C 185 24.76 17.86 -18.22
C VAL C 185 25.18 16.40 -18.01
N ASN C 186 24.28 15.55 -17.52
CA ASN C 186 24.63 14.15 -17.29
C ASN C 186 24.94 13.47 -18.62
N MET C 187 23.97 13.49 -19.53
CA MET C 187 24.13 12.84 -20.83
C MET C 187 25.42 13.31 -21.48
N LEU C 188 25.67 14.61 -21.39
CA LEU C 188 26.85 15.21 -21.96
C LEU C 188 28.13 14.66 -21.30
N TYR C 189 28.11 14.62 -19.98
CA TYR C 189 29.22 14.13 -19.16
C TYR C 189 29.87 12.87 -19.72
N GLU C 190 29.05 12.00 -20.31
CA GLU C 190 29.54 10.75 -20.85
C GLU C 190 30.15 10.87 -22.24
N ILE C 191 30.76 12.02 -22.50
CA ILE C 191 31.39 12.29 -23.79
C ILE C 191 32.43 13.38 -23.58
N ARG C 192 32.63 13.76 -22.33
CA ARG C 192 33.60 14.80 -21.97
C ARG C 192 34.90 14.75 -22.75
N ASP C 193 35.68 13.72 -22.46
CA ASP C 193 36.99 13.49 -23.04
C ASP C 193 37.13 13.80 -24.52
N GLU C 194 36.16 13.35 -25.30
CA GLU C 194 36.18 13.55 -26.74
C GLU C 194 35.60 14.89 -27.18
N LEU C 195 35.60 15.88 -26.29
CA LEU C 195 35.08 17.20 -26.62
C LEU C 195 36.23 18.14 -26.85
N PRO C 196 36.08 19.06 -27.81
CA PRO C 196 37.11 20.06 -28.17
C PRO C 196 37.56 20.87 -26.96
N GLU C 197 38.79 21.37 -26.99
CA GLU C 197 39.32 22.18 -25.90
C GLU C 197 38.44 23.41 -25.60
N PHE C 198 37.65 23.83 -26.58
CA PHE C 198 36.76 24.98 -26.43
C PHE C 198 36.01 24.94 -25.10
N TYR C 199 35.39 23.79 -24.82
CA TYR C 199 34.60 23.61 -23.61
C TYR C 199 35.38 23.74 -22.32
N ARG C 200 36.54 23.10 -22.28
CA ARG C 200 37.34 23.19 -21.07
C ARG C 200 37.68 24.67 -20.88
N LYS C 201 37.99 25.37 -21.95
CA LYS C 201 38.31 26.80 -21.86
C LYS C 201 37.13 27.61 -21.33
N VAL C 202 35.92 27.19 -21.70
CA VAL C 202 34.72 27.87 -21.23
C VAL C 202 34.54 27.64 -19.73
N LEU C 203 34.78 26.41 -19.28
CA LEU C 203 34.64 26.11 -17.87
C LEU C 203 35.57 27.04 -17.09
N GLY C 204 36.82 27.09 -17.51
CA GLY C 204 37.78 27.93 -16.85
C GLY C 204 37.30 29.37 -16.72
N GLU C 205 36.57 29.83 -17.73
CA GLU C 205 36.06 31.19 -17.73
C GLU C 205 34.87 31.35 -16.80
N ILE C 206 34.08 30.30 -16.66
CA ILE C 206 32.93 30.36 -15.77
C ILE C 206 33.48 30.41 -14.35
N GLN C 207 34.51 29.60 -14.09
CA GLN C 207 35.14 29.59 -12.76
C GLN C 207 35.74 30.96 -12.51
N ALA C 208 36.48 31.47 -13.49
CA ALA C 208 37.11 32.79 -13.39
C ALA C 208 36.07 33.82 -12.92
N PHE C 209 34.91 33.83 -13.57
CA PHE C 209 33.83 34.75 -13.21
C PHE C 209 33.27 34.35 -11.84
N ALA C 210 33.10 33.06 -11.62
CA ALA C 210 32.58 32.56 -10.36
C ALA C 210 33.29 33.23 -9.20
N GLU C 211 34.60 33.04 -9.10
CA GLU C 211 35.34 33.63 -8.01
C GLU C 211 35.24 35.15 -8.01
N GLU C 212 35.48 35.78 -9.15
CA GLU C 212 35.40 37.24 -9.26
C GLU C 212 34.17 37.79 -8.54
N GLU C 213 33.08 37.02 -8.57
CA GLU C 213 31.85 37.44 -7.92
C GLU C 213 31.82 37.04 -6.44
N PHE C 214 31.92 35.74 -6.15
CA PHE C 214 31.92 35.29 -4.76
C PHE C 214 33.00 36.05 -4.03
N GLY C 215 34.10 36.27 -4.74
CA GLY C 215 35.24 36.97 -4.15
C GLY C 215 34.97 38.39 -3.67
N ARG C 216 34.36 39.21 -4.52
CA ARG C 216 34.08 40.59 -4.16
C ARG C 216 33.34 40.73 -2.83
N LYS C 217 32.35 39.87 -2.61
CA LYS C 217 31.56 39.90 -1.38
C LYS C 217 32.28 39.21 -0.22
#